data_7HGB
#
_entry.id   7HGB
#
_cell.length_a   41.660
_cell.length_b   42.270
_cell.length_c   159.780
_cell.angle_alpha   90.00
_cell.angle_beta   90.00
_cell.angle_gamma   90.00
#
_symmetry.space_group_name_H-M   'P 21 21 21'
#
loop_
_entity.id
_entity.type
_entity.pdbx_description
1 polymer 'Hepatoma-derived growth factor-related protein 2'
2 non-polymer 'SULFATE ION'
3 non-polymer 1,2-ETHANEDIOL
4 non-polymer 2-methoxy-N-[(4-methylphenyl)methyl]acetamide
5 water water
#
_entity_poly.entity_id   1
_entity_poly.type   'polypeptide(L)'
_entity_poly.pdbx_seq_one_letter_code
;GMPHAFKPGDLVFAKMKGYPHWPARIDDIADGAVKPPPNKYPIFFFGTHETAFLGPKDLFPYDKSKDKYGKPNKRKGFNE
GLWEIQNNPHASYS
;
_entity_poly.pdbx_strand_id   A,B,C
#
loop_
_chem_comp.id
_chem_comp.type
_chem_comp.name
_chem_comp.formula
A1A34 non-polymer 2-methoxy-N-[(4-methylphenyl)methyl]acetamide 'C11 H15 N O2'
EDO non-polymer 1,2-ETHANEDIOL 'C2 H6 O2'
SO4 non-polymer 'SULFATE ION' 'O4 S -2'
#
# COMPACT_ATOMS: atom_id res chain seq x y z
N MET A 2 4.30 -11.38 25.45
CA MET A 2 2.81 -11.44 25.34
C MET A 2 2.34 -10.41 24.31
N PRO A 3 1.22 -10.68 23.62
CA PRO A 3 0.73 -9.80 22.55
C PRO A 3 0.19 -8.45 23.01
N HIS A 4 0.22 -7.50 22.09
CA HIS A 4 -0.34 -6.20 22.36
C HIS A 4 -1.61 -6.15 21.53
N ALA A 5 -2.37 -5.06 21.62
CA ALA A 5 -3.42 -4.81 20.64
C ALA A 5 -2.80 -4.58 19.26
N PHE A 6 -3.64 -4.75 18.24
CA PHE A 6 -3.24 -4.45 16.86
C PHE A 6 -2.81 -2.98 16.75
N LYS A 7 -1.79 -2.74 15.90
CA LYS A 7 -1.37 -1.36 15.64
C LYS A 7 -1.06 -1.24 14.12
N PRO A 8 -1.08 -0.04 13.54
CA PRO A 8 -0.72 0.14 12.13
C PRO A 8 0.63 -0.50 11.87
N GLY A 9 0.71 -1.24 10.73
CA GLY A 9 1.94 -1.86 10.32
C GLY A 9 1.93 -3.35 10.62
N ASP A 10 1.06 -3.77 11.56
CA ASP A 10 1.02 -5.20 11.81
C ASP A 10 0.56 -6.01 10.57
N LEU A 11 1.15 -7.19 10.41
CA LEU A 11 0.92 -8.07 9.25
C LEU A 11 -0.03 -9.20 9.70
N VAL A 12 -1.04 -9.50 8.84
CA VAL A 12 -2.06 -10.49 9.23
C VAL A 12 -2.46 -11.31 8.00
N PHE A 13 -3.18 -12.41 8.26
CA PHE A 13 -4.19 -12.83 7.30
C PHE A 13 -5.55 -12.37 7.83
N ALA A 14 -6.38 -11.78 6.93
CA ALA A 14 -7.66 -11.19 7.32
C ALA A 14 -8.74 -12.04 6.65
N LYS A 15 -9.78 -12.37 7.44
CA LYS A 15 -10.87 -13.20 6.92
C LYS A 15 -12.14 -12.38 6.65
N MET A 16 -12.66 -12.55 5.43
CA MET A 16 -13.92 -11.98 4.95
C MET A 16 -14.79 -13.19 4.55
N LYS A 17 -16.08 -13.13 4.85
CA LYS A 17 -17.03 -14.17 4.46
C LYS A 17 -16.90 -14.43 2.97
N GLY A 18 -16.80 -15.71 2.60
CA GLY A 18 -16.78 -16.02 1.18
C GLY A 18 -15.38 -15.93 0.58
N TYR A 19 -14.38 -15.52 1.36
CA TYR A 19 -13.05 -15.39 0.79
C TYR A 19 -12.05 -16.17 1.64
N PRO A 20 -10.94 -16.67 1.06
CA PRO A 20 -9.88 -17.36 1.83
C PRO A 20 -9.21 -16.36 2.77
N HIS A 21 -8.63 -16.80 3.89
CA HIS A 21 -7.81 -15.96 4.76
C HIS A 21 -6.76 -15.26 3.88
N TRP A 22 -6.70 -13.91 3.96
CA TRP A 22 -6.09 -13.13 2.88
C TRP A 22 -4.89 -12.35 3.43
N PRO A 23 -3.71 -12.34 2.76
CA PRO A 23 -2.58 -11.51 3.23
C PRO A 23 -2.96 -10.03 3.29
N ALA A 24 -2.69 -9.39 4.46
CA ALA A 24 -3.12 -8.01 4.65
C ALA A 24 -2.28 -7.32 5.72
N ARG A 25 -2.44 -5.99 5.85
CA ARG A 25 -1.84 -5.22 6.93
C ARG A 25 -2.89 -4.33 7.61
N ILE A 26 -2.60 -4.02 8.87
CA ILE A 26 -3.31 -2.91 9.49
C ILE A 26 -2.75 -1.62 8.94
N ASP A 27 -3.62 -0.82 8.35
CA ASP A 27 -3.17 0.47 7.81
C ASP A 27 -3.27 1.59 8.84
N ASP A 28 -2.57 2.71 8.51
CA ASP A 28 -2.76 3.94 9.25
C ASP A 28 -3.98 4.63 8.64
N ILE A 29 -4.45 5.69 9.28
CA ILE A 29 -5.49 6.52 8.67
C ILE A 29 -4.80 7.87 8.47
N ALA A 30 -4.75 8.33 7.20
CA ALA A 30 -4.15 9.62 6.84
C ALA A 30 -4.96 10.76 7.47
N ASP A 31 -4.26 11.85 7.81
CA ASP A 31 -4.97 13.09 8.17
C ASP A 31 -6.03 13.37 7.12
N GLY A 32 -7.25 13.69 7.59
CA GLY A 32 -8.31 14.13 6.72
C GLY A 32 -9.10 12.98 6.09
N ALA A 33 -8.63 11.74 6.28
CA ALA A 33 -9.26 10.61 5.59
C ALA A 33 -10.35 9.99 6.45
N VAL A 34 -11.23 9.20 5.79
CA VAL A 34 -12.33 8.53 6.48
C VAL A 34 -11.81 7.51 7.50
N LYS A 35 -12.35 7.60 8.71
CA LYS A 35 -12.00 6.73 9.83
C LYS A 35 -12.88 5.49 9.83
N PRO A 36 -12.45 4.39 10.48
CA PRO A 36 -13.29 3.18 10.50
C PRO A 36 -14.36 3.35 11.57
N PRO A 37 -15.37 2.47 11.61
CA PRO A 37 -16.26 2.42 12.76
C PRO A 37 -15.55 2.08 14.07
N PRO A 38 -16.15 2.38 15.24
CA PRO A 38 -15.61 1.91 16.52
C PRO A 38 -15.37 0.40 16.54
N ASN A 39 -14.25 0.03 17.18
CA ASN A 39 -13.78 -1.34 17.38
C ASN A 39 -13.31 -1.99 16.08
N LYS A 40 -13.26 -1.22 14.96
CA LYS A 40 -12.81 -1.79 13.69
C LYS A 40 -11.47 -1.13 13.30
N TYR A 41 -10.68 -1.87 12.51
CA TYR A 41 -9.39 -1.43 12.02
C TYR A 41 -9.47 -1.32 10.50
N PRO A 42 -8.69 -0.39 9.87
CA PRO A 42 -8.61 -0.37 8.41
C PRO A 42 -7.64 -1.42 7.92
N ILE A 43 -8.16 -2.39 7.18
CA ILE A 43 -7.34 -3.51 6.69
C ILE A 43 -7.03 -3.27 5.21
N PHE A 44 -5.73 -3.26 4.86
CA PHE A 44 -5.31 -3.16 3.48
C PHE A 44 -4.94 -4.56 3.02
N PHE A 45 -5.68 -5.02 2.00
CA PHE A 45 -5.44 -6.33 1.45
C PHE A 45 -4.39 -6.33 0.36
N PHE A 46 -3.32 -7.11 0.57
CA PHE A 46 -2.27 -7.17 -0.46
C PHE A 46 -2.84 -7.81 -1.74
N GLY A 47 -2.22 -7.44 -2.86
CA GLY A 47 -2.62 -8.02 -4.16
C GLY A 47 -3.82 -7.28 -4.76
N THR A 48 -4.99 -7.33 -4.10
CA THR A 48 -6.13 -6.55 -4.57
C THR A 48 -5.97 -5.06 -4.29
N HIS A 49 -5.23 -4.72 -3.21
CA HIS A 49 -5.05 -3.34 -2.81
C HIS A 49 -6.36 -2.70 -2.39
N GLU A 50 -7.27 -3.53 -1.89
CA GLU A 50 -8.55 -3.03 -1.40
C GLU A 50 -8.50 -2.81 0.11
N THR A 51 -9.43 -1.99 0.65
CA THR A 51 -9.50 -1.74 2.07
C THR A 51 -10.87 -2.16 2.56
N ALA A 52 -10.92 -2.85 3.69
CA ALA A 52 -12.17 -3.11 4.40
C ALA A 52 -11.95 -2.88 5.89
N PHE A 53 -13.04 -2.80 6.67
CA PHE A 53 -12.92 -2.52 8.09
C PHE A 53 -13.28 -3.77 8.86
N LEU A 54 -12.36 -4.27 9.70
CA LEU A 54 -12.58 -5.56 10.33
C LEU A 54 -12.18 -5.46 11.80
N GLY A 55 -12.77 -6.36 12.62
CA GLY A 55 -12.37 -6.44 14.02
C GLY A 55 -11.42 -7.62 14.22
N PRO A 56 -10.85 -7.70 15.42
CA PRO A 56 -9.81 -8.69 15.74
C PRO A 56 -10.22 -10.14 15.52
N LYS A 57 -11.54 -10.43 15.63
CA LYS A 57 -11.96 -11.82 15.38
C LYS A 57 -11.62 -12.34 14.00
N ASP A 58 -11.39 -11.42 13.00
CA ASP A 58 -11.13 -11.81 11.63
C ASP A 58 -9.64 -11.57 11.28
N LEU A 59 -8.82 -11.28 12.32
CA LEU A 59 -7.40 -10.91 12.07
C LEU A 59 -6.45 -11.92 12.71
N PHE A 60 -5.69 -12.61 11.84
CA PHE A 60 -4.78 -13.68 12.31
C PHE A 60 -3.33 -13.24 12.11
N PRO A 61 -2.53 -13.06 13.18
CA PRO A 61 -1.16 -12.54 12.97
C PRO A 61 -0.34 -13.40 12.03
N TYR A 62 0.43 -12.74 11.11
CA TYR A 62 0.99 -13.40 9.95
C TYR A 62 2.03 -14.47 10.32
N ASP A 63 2.85 -14.15 11.33
CA ASP A 63 3.93 -15.07 11.70
C ASP A 63 3.37 -16.40 12.16
N LYS A 64 2.41 -16.33 13.10
CA LYS A 64 1.75 -17.54 13.58
C LYS A 64 1.03 -18.32 12.48
N SER A 65 0.43 -17.65 11.47
CA SER A 65 -0.58 -18.24 10.60
C SER A 65 -0.08 -18.60 9.19
N LYS A 66 1.14 -18.17 8.84
CA LYS A 66 1.54 -18.26 7.45
C LYS A 66 1.68 -19.71 6.99
N ASP A 67 2.08 -20.60 7.89
N ASP A 67 2.13 -20.60 7.88
CA ASP A 67 2.25 -21.98 7.47
CA ASP A 67 2.22 -22.00 7.53
C ASP A 67 0.92 -22.62 7.06
C ASP A 67 0.91 -22.48 6.95
N LYS A 68 -0.19 -22.17 7.68
CA LYS A 68 -1.50 -22.64 7.29
C LYS A 68 -2.05 -21.87 6.09
N TYR A 69 -1.89 -20.53 6.10
CA TYR A 69 -2.69 -19.74 5.16
C TYR A 69 -1.88 -19.20 4.00
N GLY A 70 -0.54 -19.30 4.05
CA GLY A 70 0.34 -18.66 3.10
C GLY A 70 0.70 -19.60 1.94
N LYS A 71 -0.33 -20.07 1.26
CA LYS A 71 -0.16 -20.99 0.13
C LYS A 71 -0.91 -20.41 -1.06
N PRO A 72 -0.47 -20.65 -2.32
CA PRO A 72 -1.18 -20.07 -3.47
C PRO A 72 -2.67 -20.38 -3.56
N ASN A 73 -3.41 -19.47 -4.15
CA ASN A 73 -4.85 -19.61 -4.23
C ASN A 73 -5.26 -19.05 -5.59
N LYS A 74 -6.34 -19.62 -6.12
CA LYS A 74 -6.80 -19.29 -7.45
C LYS A 74 -7.43 -17.90 -7.52
N ARG A 75 -7.77 -17.29 -6.37
CA ARG A 75 -8.55 -16.08 -6.43
C ARG A 75 -7.71 -14.89 -6.90
N LYS A 76 -8.37 -13.99 -7.62
CA LYS A 76 -7.74 -12.83 -8.25
C LYS A 76 -6.96 -12.04 -7.19
N GLY A 77 -5.67 -11.81 -7.47
CA GLY A 77 -4.86 -10.95 -6.64
C GLY A 77 -4.12 -11.68 -5.52
N PHE A 78 -4.53 -12.90 -5.20
CA PHE A 78 -4.03 -13.55 -4.00
C PHE A 78 -2.51 -13.79 -4.07
N ASN A 79 -2.04 -14.33 -5.19
CA ASN A 79 -0.62 -14.70 -5.29
C ASN A 79 0.29 -13.47 -5.35
N GLU A 80 -0.18 -12.37 -5.98
CA GLU A 80 0.54 -11.12 -5.92
C GLU A 80 0.59 -10.67 -4.45
N GLY A 81 -0.53 -10.85 -3.75
CA GLY A 81 -0.59 -10.47 -2.33
C GLY A 81 0.39 -11.28 -1.48
N LEU A 82 0.57 -12.59 -1.73
CA LEU A 82 1.57 -13.37 -1.03
C LEU A 82 2.98 -12.79 -1.27
N TRP A 83 3.23 -12.25 -2.50
CA TRP A 83 4.57 -11.73 -2.77
C TRP A 83 4.76 -10.45 -1.97
N GLU A 84 3.72 -9.63 -1.90
CA GLU A 84 3.83 -8.33 -1.30
C GLU A 84 4.09 -8.50 0.20
N ILE A 85 3.31 -9.38 0.85
CA ILE A 85 3.41 -9.47 2.31
C ILE A 85 4.80 -10.04 2.73
N GLN A 86 5.37 -10.90 1.86
CA GLN A 86 6.70 -11.49 2.12
C GLN A 86 7.87 -10.53 1.80
N ASN A 87 7.72 -9.76 0.73
CA ASN A 87 8.85 -9.06 0.12
C ASN A 87 8.87 -7.55 0.32
N ASN A 88 7.69 -6.88 0.40
CA ASN A 88 7.66 -5.47 0.67
C ASN A 88 6.34 -5.08 1.35
N PRO A 89 6.12 -5.54 2.59
CA PRO A 89 4.82 -5.38 3.23
C PRO A 89 4.52 -3.97 3.69
N HIS A 90 5.54 -3.10 3.72
CA HIS A 90 5.35 -1.75 4.27
C HIS A 90 5.43 -0.68 3.16
N ALA A 91 5.42 -1.08 1.91
CA ALA A 91 5.54 -0.12 0.79
C ALA A 91 4.22 0.58 0.52
N SER A 92 4.32 1.71 -0.20
CA SER A 92 3.15 2.36 -0.76
C SER A 92 2.67 1.59 -1.99
N TYR A 93 1.37 1.24 -1.99
CA TYR A 93 0.76 0.51 -3.07
C TYR A 93 -0.34 1.35 -3.69
N SER A 94 -0.34 2.65 -3.39
CA SER A 94 -1.27 3.63 -3.93
C SER A 94 -0.92 4.02 -5.38
N MET B 2 1.93 45.23 2.73
CA MET B 2 0.63 45.70 2.18
C MET B 2 -0.49 44.79 2.70
N PRO B 3 -1.55 45.33 3.35
CA PRO B 3 -2.69 44.50 3.77
C PRO B 3 -3.34 43.84 2.55
N HIS B 4 -3.93 42.66 2.77
CA HIS B 4 -4.65 41.94 1.73
C HIS B 4 -6.08 41.66 2.19
N ALA B 5 -6.90 41.06 1.32
CA ALA B 5 -8.29 40.79 1.64
C ALA B 5 -8.35 39.96 2.92
N PHE B 6 -7.45 38.98 2.97
CA PHE B 6 -7.24 38.13 4.13
C PHE B 6 -5.93 38.51 4.83
N LYS B 7 -6.00 38.61 6.15
CA LYS B 7 -4.82 38.93 6.96
C LYS B 7 -4.50 37.75 7.88
N PRO B 8 -3.22 37.58 8.28
CA PRO B 8 -2.84 36.64 9.35
C PRO B 8 -3.77 36.67 10.56
N GLY B 9 -4.24 35.47 10.96
CA GLY B 9 -5.12 35.25 12.08
C GLY B 9 -6.60 35.15 11.71
N ASP B 10 -6.93 35.53 10.44
CA ASP B 10 -8.31 35.38 10.00
C ASP B 10 -8.69 33.89 10.00
N LEU B 11 -9.89 33.63 10.46
CA LEU B 11 -10.38 32.26 10.58
C LEU B 11 -11.25 31.97 9.37
N VAL B 12 -11.15 30.74 8.81
CA VAL B 12 -11.89 30.38 7.58
C VAL B 12 -12.25 28.89 7.66
N PHE B 13 -13.11 28.44 6.72
CA PHE B 13 -13.04 27.06 6.27
C PHE B 13 -12.32 27.08 4.94
N ALA B 14 -11.36 26.15 4.76
CA ALA B 14 -10.54 26.05 3.57
C ALA B 14 -10.88 24.76 2.83
N LYS B 15 -10.97 24.84 1.50
CA LYS B 15 -11.43 23.70 0.70
C LYS B 15 -10.28 23.19 -0.15
N MET B 16 -10.01 21.89 0.03
CA MET B 16 -9.06 21.14 -0.77
C MET B 16 -9.79 20.00 -1.48
N LYS B 17 -9.32 19.67 -2.70
CA LYS B 17 -9.95 18.59 -3.43
C LYS B 17 -9.82 17.30 -2.60
N GLY B 18 -10.92 16.57 -2.48
CA GLY B 18 -10.95 15.30 -1.75
C GLY B 18 -11.35 15.46 -0.28
N TYR B 19 -11.55 16.70 0.20
CA TYR B 19 -11.79 16.87 1.63
C TYR B 19 -12.96 17.83 1.83
N PRO B 20 -13.69 17.76 2.96
CA PRO B 20 -14.78 18.72 3.22
C PRO B 20 -14.15 20.05 3.59
N HIS B 21 -14.91 21.14 3.42
CA HIS B 21 -14.48 22.45 3.91
C HIS B 21 -13.97 22.33 5.34
N TRP B 22 -12.76 22.84 5.59
CA TRP B 22 -12.07 22.41 6.80
C TRP B 22 -11.73 23.62 7.65
N PRO B 23 -11.93 23.57 8.99
CA PRO B 23 -11.63 24.73 9.86
C PRO B 23 -10.14 25.05 9.77
N ALA B 24 -9.79 26.33 9.59
CA ALA B 24 -8.41 26.67 9.26
C ALA B 24 -8.18 28.15 9.60
N ARG B 25 -6.90 28.54 9.53
CA ARG B 25 -6.55 29.94 9.76
C ARG B 25 -5.57 30.40 8.69
N ILE B 26 -5.53 31.71 8.43
CA ILE B 26 -4.45 32.27 7.64
C ILE B 26 -3.26 32.44 8.57
N ASP B 27 -2.09 31.96 8.12
CA ASP B 27 -0.83 32.09 8.85
C ASP B 27 0.00 33.27 8.32
N ASP B 28 1.02 33.66 9.10
N ASP B 28 1.03 33.68 9.08
CA ASP B 28 2.06 34.61 8.69
CA ASP B 28 2.01 34.65 8.63
C ASP B 28 3.05 33.91 7.76
C ASP B 28 3.16 33.91 7.95
N ILE B 29 4.06 34.65 7.29
CA ILE B 29 5.13 34.07 6.50
C ILE B 29 6.47 34.28 7.24
N VAL B 34 10.00 29.67 2.06
CA VAL B 34 9.09 29.67 0.88
C VAL B 34 8.03 30.73 1.11
N LYS B 35 7.82 31.61 0.11
CA LYS B 35 6.68 32.50 0.12
C LYS B 35 5.55 31.83 -0.67
N PRO B 36 4.26 32.08 -0.33
CA PRO B 36 3.15 31.53 -1.14
C PRO B 36 3.36 31.80 -2.62
N PRO B 37 2.89 30.91 -3.54
CA PRO B 37 2.81 31.29 -4.95
C PRO B 37 1.96 32.55 -5.01
N PRO B 38 2.08 33.38 -6.08
CA PRO B 38 1.21 34.55 -6.23
C PRO B 38 -0.27 34.24 -6.01
N ASN B 39 -1.00 35.17 -5.38
CA ASN B 39 -2.45 35.10 -5.25
C ASN B 39 -2.93 34.14 -4.15
N LYS B 40 -2.00 33.42 -3.49
CA LYS B 40 -2.38 32.39 -2.53
C LYS B 40 -1.89 32.78 -1.14
N TYR B 41 -2.39 32.08 -0.12
CA TYR B 41 -2.18 32.41 1.29
C TYR B 41 -1.66 31.16 1.98
N PRO B 42 -0.85 31.28 3.06
CA PRO B 42 -0.45 30.09 3.82
C PRO B 42 -1.60 29.75 4.77
N ILE B 43 -2.10 28.50 4.62
CA ILE B 43 -3.19 27.99 5.45
C ILE B 43 -2.67 26.97 6.45
N PHE B 44 -3.16 27.10 7.69
CA PHE B 44 -3.02 26.08 8.72
C PHE B 44 -4.38 25.44 8.98
N PHE B 45 -4.44 24.09 8.80
CA PHE B 45 -5.63 23.34 9.09
C PHE B 45 -5.68 22.87 10.53
N PHE B 46 -6.76 23.28 11.22
CA PHE B 46 -6.92 22.90 12.61
C PHE B 46 -7.15 21.38 12.70
N GLY B 47 -6.79 20.79 13.85
CA GLY B 47 -7.01 19.35 14.09
C GLY B 47 -5.85 18.51 13.52
N THR B 48 -5.63 18.57 12.21
CA THR B 48 -4.58 17.84 11.54
C THR B 48 -3.26 18.57 11.67
N HIS B 49 -3.34 19.90 11.83
CA HIS B 49 -2.17 20.75 11.88
C HIS B 49 -1.33 20.67 10.62
N GLU B 50 -1.95 20.31 9.47
CA GLU B 50 -1.28 20.31 8.18
C GLU B 50 -1.32 21.73 7.60
N THR B 51 -0.50 21.96 6.56
CA THR B 51 -0.43 23.27 5.91
C THR B 51 -0.56 23.12 4.40
N ALA B 52 -1.01 24.20 3.73
CA ALA B 52 -1.05 24.30 2.28
C ALA B 52 -1.13 25.77 1.88
N PHE B 53 -0.93 26.00 0.58
CA PHE B 53 -1.21 27.30 -0.01
C PHE B 53 -2.50 27.21 -0.83
N LEU B 54 -3.45 28.08 -0.49
CA LEU B 54 -4.72 28.16 -1.20
C LEU B 54 -5.00 29.59 -1.63
N GLY B 55 -5.77 29.71 -2.72
CA GLY B 55 -6.28 30.97 -3.24
C GLY B 55 -7.64 31.31 -2.61
N PRO B 56 -8.09 32.58 -2.70
CA PRO B 56 -9.41 32.97 -2.19
C PRO B 56 -10.65 32.19 -2.62
N LYS B 57 -10.63 31.57 -3.81
CA LYS B 57 -11.81 30.81 -4.23
C LYS B 57 -12.09 29.63 -3.28
N ASP B 58 -11.06 29.23 -2.51
CA ASP B 58 -11.17 28.09 -1.63
C ASP B 58 -11.22 28.50 -0.16
N LEU B 59 -11.32 29.83 0.10
CA LEU B 59 -11.33 30.33 1.48
C LEU B 59 -12.67 30.99 1.80
N PHE B 60 -13.29 30.51 2.85
CA PHE B 60 -14.65 30.86 3.25
C PHE B 60 -14.56 31.50 4.64
N PRO B 61 -14.71 32.83 4.81
CA PRO B 61 -14.66 33.43 6.15
C PRO B 61 -15.50 32.67 7.19
N TYR B 62 -14.90 32.38 8.37
CA TYR B 62 -15.49 31.47 9.32
C TYR B 62 -16.84 31.91 9.87
N ASP B 63 -16.96 33.19 10.30
CA ASP B 63 -18.21 33.67 10.88
C ASP B 63 -19.37 33.52 9.89
N LYS B 64 -19.15 33.97 8.65
CA LYS B 64 -20.15 33.79 7.61
C LYS B 64 -20.52 32.32 7.40
N SER B 65 -19.56 31.39 7.55
CA SER B 65 -19.76 30.06 6.96
C SER B 65 -19.91 28.94 7.99
N LYS B 66 -19.86 29.26 9.29
CA LYS B 66 -19.73 28.20 10.28
C LYS B 66 -21.01 27.35 10.42
N ASP B 67 -22.19 27.95 10.24
CA ASP B 67 -23.35 27.10 10.46
C ASP B 67 -23.51 26.13 9.29
N LYS B 68 -23.01 26.54 8.11
CA LYS B 68 -23.07 25.67 6.94
C LYS B 68 -22.00 24.57 6.97
N TYR B 69 -20.75 24.91 7.30
CA TYR B 69 -19.63 23.97 7.15
C TYR B 69 -19.17 23.41 8.49
N GLY B 70 -19.59 24.03 9.61
CA GLY B 70 -19.00 23.69 10.90
C GLY B 70 -19.64 22.48 11.59
N LYS B 71 -20.03 21.46 10.81
CA LYS B 71 -20.72 20.31 11.37
C LYS B 71 -19.74 19.16 11.52
N PRO B 72 -19.78 18.41 12.65
CA PRO B 72 -18.96 17.21 12.76
C PRO B 72 -19.16 16.21 11.61
N ASN B 73 -18.08 15.50 11.28
CA ASN B 73 -18.07 14.42 10.29
C ASN B 73 -17.10 13.34 10.79
N LYS B 74 -16.82 12.35 9.95
CA LYS B 74 -15.92 11.26 10.31
C LYS B 74 -14.54 11.29 9.61
N ARG B 75 -14.09 12.48 9.17
CA ARG B 75 -12.72 12.62 8.71
C ARG B 75 -11.80 12.79 9.94
N LYS B 76 -10.67 12.07 9.91
CA LYS B 76 -9.61 12.18 10.90
C LYS B 76 -9.16 13.63 11.11
N GLY B 77 -9.36 14.08 12.35
CA GLY B 77 -8.87 15.40 12.82
C GLY B 77 -9.93 16.50 12.72
N PHE B 78 -11.04 16.23 12.05
CA PHE B 78 -12.05 17.29 11.84
C PHE B 78 -12.68 17.75 13.16
N ASN B 79 -13.09 16.84 14.04
CA ASN B 79 -13.79 17.26 15.25
C ASN B 79 -12.79 17.97 16.18
N GLU B 80 -11.52 17.55 16.18
CA GLU B 80 -10.51 18.23 16.96
C GLU B 80 -10.29 19.64 16.39
N GLY B 81 -10.35 19.74 15.04
CA GLY B 81 -10.19 21.02 14.33
C GLY B 81 -11.32 21.99 14.68
N LEU B 82 -12.53 21.49 14.82
CA LEU B 82 -13.68 22.29 15.25
C LEU B 82 -13.42 22.81 16.65
N TRP B 83 -12.86 21.94 17.51
CA TRP B 83 -12.56 22.36 18.87
C TRP B 83 -11.56 23.52 18.88
N GLU B 84 -10.48 23.39 18.08
CA GLU B 84 -9.39 24.35 18.08
C GLU B 84 -9.87 25.72 17.59
N ILE B 85 -10.65 25.73 16.51
CA ILE B 85 -11.07 26.99 15.88
C ILE B 85 -11.95 27.79 16.84
N GLN B 86 -12.78 27.07 17.59
CA GLN B 86 -13.71 27.58 18.59
C GLN B 86 -12.95 28.05 19.86
N ASN B 87 -11.96 27.27 20.32
CA ASN B 87 -11.51 27.49 21.69
C ASN B 87 -10.10 28.09 21.79
N ASN B 88 -9.26 27.93 20.78
CA ASN B 88 -7.92 28.48 20.86
C ASN B 88 -7.33 28.62 19.46
N PRO B 89 -8.03 29.41 18.60
CA PRO B 89 -7.62 29.49 17.20
C PRO B 89 -6.24 30.08 16.95
N HIS B 90 -5.72 30.83 17.96
CA HIS B 90 -4.48 31.56 17.71
C HIS B 90 -3.26 30.96 18.41
N ALA B 91 -3.45 29.78 19.00
CA ALA B 91 -2.35 29.07 19.68
C ALA B 91 -1.24 28.63 18.73
N SER B 92 -0.07 28.40 19.34
CA SER B 92 1.00 27.67 18.72
C SER B 92 0.67 26.17 18.81
N TYR B 93 0.68 25.52 17.63
CA TYR B 93 0.42 24.10 17.45
C TYR B 93 1.72 23.41 17.05
N SER B 94 2.84 24.07 17.37
CA SER B 94 4.19 23.57 17.16
C SER B 94 4.35 22.23 17.89
N HIS C 4 28.13 -17.99 -16.29
CA HIS C 4 28.41 -18.85 -15.10
C HIS C 4 28.43 -20.31 -15.53
N ALA C 5 27.61 -21.12 -14.85
CA ALA C 5 27.42 -22.54 -15.14
C ALA C 5 26.24 -23.07 -14.32
N PHE C 6 25.55 -24.07 -14.87
CA PHE C 6 24.28 -24.47 -14.32
C PHE C 6 24.22 -26.00 -14.25
N LYS C 7 23.85 -26.52 -13.08
CA LYS C 7 23.61 -27.94 -12.90
C LYS C 7 22.14 -28.11 -12.57
N PRO C 8 21.55 -29.33 -12.69
CA PRO C 8 20.14 -29.54 -12.32
C PRO C 8 19.85 -28.97 -10.93
N GLY C 9 18.62 -28.45 -10.76
CA GLY C 9 18.15 -28.01 -9.45
C GLY C 9 18.41 -26.53 -9.19
N ASP C 10 19.39 -25.94 -9.90
CA ASP C 10 19.73 -24.53 -9.82
C ASP C 10 18.56 -23.61 -10.18
N LEU C 11 18.37 -22.55 -9.37
CA LEU C 11 17.25 -21.63 -9.54
C LEU C 11 17.65 -20.44 -10.39
N VAL C 12 16.77 -20.02 -11.34
CA VAL C 12 17.14 -19.00 -12.31
C VAL C 12 15.90 -18.16 -12.64
N PHE C 13 16.11 -17.01 -13.31
CA PHE C 13 15.12 -16.37 -14.19
C PHE C 13 15.48 -16.69 -15.65
N ALA C 14 14.48 -17.14 -16.44
CA ALA C 14 14.70 -17.66 -17.78
C ALA C 14 13.90 -16.80 -18.76
N LYS C 15 14.57 -16.32 -19.82
CA LYS C 15 13.93 -15.40 -20.75
C LYS C 15 13.69 -16.09 -22.08
N MET C 16 12.41 -16.09 -22.49
CA MET C 16 12.04 -16.52 -23.83
C MET C 16 11.42 -15.33 -24.57
N LYS C 17 11.49 -15.34 -25.91
CA LYS C 17 10.84 -14.27 -26.64
C LYS C 17 9.34 -14.31 -26.35
N GLY C 18 8.81 -13.11 -26.06
CA GLY C 18 7.37 -12.93 -25.91
C GLY C 18 6.92 -13.12 -24.47
N TYR C 19 7.86 -13.35 -23.54
CA TYR C 19 7.52 -13.48 -22.11
C TYR C 19 8.51 -12.71 -21.24
N PRO C 20 8.09 -12.24 -20.05
CA PRO C 20 8.99 -11.58 -19.11
C PRO C 20 9.97 -12.62 -18.56
N HIS C 21 11.04 -12.11 -17.96
CA HIS C 21 12.00 -13.01 -17.31
C HIS C 21 11.27 -13.81 -16.25
N TRP C 22 11.40 -15.15 -16.28
CA TRP C 22 10.41 -15.96 -15.62
C TRP C 22 11.07 -16.82 -14.55
N PRO C 23 10.52 -16.96 -13.33
CA PRO C 23 11.15 -17.84 -12.32
C PRO C 23 11.18 -19.30 -12.80
N ALA C 24 12.33 -19.97 -12.65
CA ALA C 24 12.53 -21.26 -13.30
C ALA C 24 13.62 -22.03 -12.57
N ARG C 25 13.77 -23.31 -12.94
CA ARG C 25 14.90 -24.10 -12.45
C ARG C 25 15.45 -24.91 -13.63
N ILE C 26 16.75 -25.23 -13.57
CA ILE C 26 17.42 -26.20 -14.42
C ILE C 26 16.97 -27.61 -14.06
N ASP C 27 16.50 -28.35 -15.06
CA ASP C 27 16.14 -29.76 -14.89
C ASP C 27 17.34 -30.66 -15.17
N ASP C 28 17.22 -31.93 -14.77
CA ASP C 28 18.08 -33.01 -15.24
C ASP C 28 17.51 -33.51 -16.55
N ILE C 29 18.35 -34.15 -17.37
CA ILE C 29 17.92 -34.61 -18.69
C ILE C 29 17.96 -36.15 -18.71
N LYS C 35 18.04 -35.59 -26.54
CA LYS C 35 18.96 -34.71 -25.78
C LYS C 35 18.64 -33.26 -26.17
N PRO C 36 19.14 -32.26 -25.41
CA PRO C 36 18.95 -30.86 -25.79
C PRO C 36 19.51 -30.61 -27.19
N PRO C 37 19.05 -29.53 -27.87
CA PRO C 37 19.80 -29.01 -29.01
C PRO C 37 21.16 -28.63 -28.40
N PRO C 38 22.20 -28.55 -29.25
CA PRO C 38 23.53 -28.16 -28.77
C PRO C 38 23.51 -26.90 -27.91
N ASN C 39 24.13 -27.03 -26.72
CA ASN C 39 24.43 -25.93 -25.82
C ASN C 39 23.14 -25.37 -25.23
N LYS C 40 22.10 -26.19 -25.15
CA LYS C 40 20.89 -25.72 -24.49
C LYS C 40 20.68 -26.49 -23.19
N TYR C 41 20.04 -25.84 -22.20
CA TYR C 41 19.70 -26.48 -20.92
C TYR C 41 18.20 -26.76 -20.88
N PRO C 42 17.77 -27.87 -20.22
CA PRO C 42 16.35 -28.16 -19.99
C PRO C 42 15.88 -27.24 -18.87
N ILE C 43 14.78 -26.50 -19.13
CA ILE C 43 14.28 -25.55 -18.13
C ILE C 43 12.89 -25.99 -17.68
N PHE C 44 12.59 -25.81 -16.37
CA PHE C 44 11.23 -25.96 -15.89
C PHE C 44 10.81 -24.61 -15.30
N PHE C 45 9.65 -24.14 -15.76
CA PHE C 45 9.15 -22.83 -15.40
C PHE C 45 8.23 -23.00 -14.20
N PHE C 46 8.54 -22.25 -13.10
CA PHE C 46 7.57 -22.28 -12.01
C PHE C 46 6.26 -21.61 -12.39
N GLY C 47 5.19 -21.97 -11.66
CA GLY C 47 3.89 -21.37 -11.90
C GLY C 47 3.17 -22.08 -13.04
N THR C 48 3.70 -22.00 -14.27
CA THR C 48 3.09 -22.70 -15.40
C THR C 48 3.42 -24.19 -15.38
N HIS C 49 4.55 -24.56 -14.78
CA HIS C 49 5.08 -25.93 -14.75
C HIS C 49 5.37 -26.47 -16.16
N GLU C 50 5.65 -25.59 -17.12
CA GLU C 50 5.99 -26.04 -18.46
C GLU C 50 7.51 -26.16 -18.58
N THR C 51 7.97 -26.73 -19.72
CA THR C 51 9.39 -26.98 -19.96
C THR C 51 9.74 -26.42 -21.35
N ALA C 52 11.02 -26.05 -21.48
CA ALA C 52 11.63 -25.61 -22.73
C ALA C 52 13.14 -25.82 -22.66
N PHE C 53 13.82 -25.65 -23.81
CA PHE C 53 15.28 -25.68 -23.87
C PHE C 53 15.78 -24.26 -24.11
N LEU C 54 16.73 -23.79 -23.30
CA LEU C 54 17.23 -22.42 -23.47
C LEU C 54 18.74 -22.38 -23.37
N GLY C 55 19.37 -21.39 -24.02
CA GLY C 55 20.81 -21.23 -23.93
C GLY C 55 21.23 -20.35 -22.74
N PRO C 56 22.51 -20.39 -22.33
CA PRO C 56 22.96 -19.72 -21.11
C PRO C 56 22.75 -18.21 -21.05
N LYS C 57 22.69 -17.57 -22.23
CA LYS C 57 22.52 -16.13 -22.33
C LYS C 57 21.10 -15.75 -21.89
N ASP C 58 20.21 -16.76 -21.87
CA ASP C 58 18.80 -16.53 -21.55
C ASP C 58 18.52 -16.80 -20.08
N LEU C 59 19.56 -17.12 -19.30
CA LEU C 59 19.42 -17.57 -17.93
C LEU C 59 20.15 -16.64 -16.98
N PHE C 60 19.53 -16.39 -15.81
CA PHE C 60 20.03 -15.43 -14.83
C PHE C 60 19.94 -16.09 -13.46
N PRO C 61 21.05 -16.27 -12.70
CA PRO C 61 20.95 -16.92 -11.39
C PRO C 61 19.99 -16.16 -10.48
N TYR C 62 19.18 -16.94 -9.74
CA TYR C 62 18.04 -16.43 -9.00
C TYR C 62 18.47 -15.45 -7.93
N ASP C 63 19.42 -15.87 -7.07
CA ASP C 63 19.78 -15.00 -5.95
C ASP C 63 20.32 -13.67 -6.46
N LYS C 64 21.09 -13.71 -7.54
CA LYS C 64 21.80 -12.55 -8.03
C LYS C 64 20.84 -11.58 -8.75
N SER C 65 19.70 -12.08 -9.24
CA SER C 65 18.91 -11.23 -10.11
C SER C 65 17.48 -11.00 -9.63
N LYS C 66 17.08 -11.59 -8.51
CA LYS C 66 15.70 -11.44 -8.03
C LYS C 66 15.34 -10.00 -7.70
N ASP C 67 16.31 -9.20 -7.23
CA ASP C 67 15.99 -7.80 -6.93
C ASP C 67 15.41 -7.10 -8.16
N LYS C 68 15.86 -7.49 -9.37
CA LYS C 68 15.38 -6.90 -10.62
C LYS C 68 14.17 -7.65 -11.23
N TYR C 69 14.20 -9.00 -11.23
CA TYR C 69 13.16 -9.70 -11.98
C TYR C 69 12.09 -10.28 -11.05
N GLY C 70 12.38 -10.34 -9.73
CA GLY C 70 11.47 -11.01 -8.82
C GLY C 70 10.44 -10.01 -8.31
N LYS C 71 9.53 -9.65 -9.20
CA LYS C 71 8.50 -8.66 -8.93
C LYS C 71 7.25 -9.14 -9.65
N PRO C 72 6.06 -8.89 -9.08
CA PRO C 72 4.85 -9.42 -9.70
C PRO C 72 4.57 -8.92 -11.11
N ASN C 73 3.89 -9.79 -11.82
CA ASN C 73 3.20 -9.28 -13.00
C ASN C 73 2.01 -10.18 -13.30
N LYS C 74 1.21 -9.70 -14.23
CA LYS C 74 -0.12 -10.26 -14.39
C LYS C 74 -0.14 -11.41 -15.37
N ARG C 75 1.04 -11.75 -15.92
CA ARG C 75 1.03 -12.83 -16.89
C ARG C 75 0.61 -14.14 -16.21
N LYS C 76 -0.04 -15.00 -16.99
CA LYS C 76 -0.63 -16.22 -16.47
C LYS C 76 0.42 -17.09 -15.78
N GLY C 77 0.21 -17.30 -14.47
CA GLY C 77 1.00 -18.27 -13.72
C GLY C 77 2.22 -17.64 -13.03
N PHE C 78 2.51 -16.37 -13.32
CA PHE C 78 3.78 -15.79 -12.95
C PHE C 78 3.87 -15.68 -11.43
N ASN C 79 2.80 -15.14 -10.83
CA ASN C 79 2.87 -14.86 -9.40
C ASN C 79 2.90 -16.14 -8.57
N GLU C 80 2.15 -17.14 -9.00
CA GLU C 80 2.31 -18.45 -8.39
C GLU C 80 3.76 -18.94 -8.54
N GLY C 81 4.36 -18.72 -9.72
CA GLY C 81 5.76 -19.04 -9.94
C GLY C 81 6.69 -18.33 -8.95
N LEU C 82 6.47 -17.01 -8.71
CA LEU C 82 7.27 -16.31 -7.71
C LEU C 82 7.13 -17.00 -6.35
N TRP C 83 5.93 -17.47 -6.02
CA TRP C 83 5.74 -18.05 -4.70
C TRP C 83 6.56 -19.35 -4.62
N GLU C 84 6.51 -20.13 -5.71
CA GLU C 84 7.23 -21.40 -5.74
C GLU C 84 8.75 -21.23 -5.65
N ILE C 85 9.33 -20.31 -6.42
CA ILE C 85 10.78 -20.16 -6.44
C ILE C 85 11.31 -19.79 -5.04
N GLN C 86 10.54 -19.00 -4.30
CA GLN C 86 11.00 -18.50 -3.00
C GLN C 86 10.71 -19.50 -1.87
N ASN C 87 9.62 -20.25 -2.00
CA ASN C 87 9.05 -20.99 -0.88
C ASN C 87 9.15 -22.51 -1.07
N ASN C 88 9.00 -23.02 -2.30
CA ASN C 88 8.92 -24.46 -2.49
C ASN C 88 9.66 -24.89 -3.75
N PRO C 89 10.94 -24.49 -3.93
CA PRO C 89 11.62 -24.58 -5.23
C PRO C 89 12.04 -25.95 -5.74
N HIS C 90 12.07 -26.93 -4.84
CA HIS C 90 12.58 -28.25 -5.18
C HIS C 90 11.51 -29.32 -4.99
N ALA C 91 10.24 -28.92 -4.87
CA ALA C 91 9.12 -29.86 -4.92
C ALA C 91 8.92 -30.37 -6.35
N SER C 92 7.98 -31.32 -6.50
CA SER C 92 7.84 -32.16 -7.69
C SER C 92 7.12 -31.46 -8.84
N TYR C 93 5.89 -30.99 -8.57
CA TYR C 93 4.99 -30.39 -9.56
C TYR C 93 4.87 -31.32 -10.78
S SO4 D . -12.12 -14.48 -8.76
O1 SO4 D . -12.32 -13.34 -9.60
O2 SO4 D . -11.86 -14.05 -7.40
O3 SO4 D . -13.32 -15.29 -8.79
O4 SO4 D . -11.01 -15.25 -9.24
S SO4 E . -16.29 -18.93 4.01
O1 SO4 E . -17.16 -17.89 4.51
O2 SO4 E . -15.80 -19.72 5.11
O3 SO4 E . -17.03 -19.77 3.10
O4 SO4 E . -15.19 -18.34 3.32
C1 EDO F . -1.54 1.49 0.18
O1 EDO F . -0.19 1.99 0.26
C2 EDO F . -2.51 1.98 1.23
O2 EDO F . -2.13 1.68 2.57
S SO4 G . -2.58 -13.40 -8.81
O1 SO4 G . -2.08 -12.19 -8.34
O2 SO4 G . -3.86 -13.15 -9.50
O3 SO4 G . -1.63 -13.97 -9.75
O4 SO4 G . -2.84 -14.31 -7.72
S SO4 H . -11.33 13.64 15.38
O1 SO4 H . -10.65 14.94 15.35
O2 SO4 H . -12.65 13.74 14.79
O3 SO4 H . -10.57 12.65 14.64
O4 SO4 H . -11.48 13.24 16.75
S SO4 I . -14.43 16.96 -3.79
O1 SO4 I . -13.04 17.29 -3.77
O2 SO4 I . -15.07 17.63 -4.89
O3 SO4 I . -14.56 15.54 -3.95
O4 SO4 I . -15.06 17.36 -2.55
C4 A1A34 J . -3.83 17.01 3.72
C5 A1A34 J . -3.38 16.59 2.48
C6 A1A34 J . -2.59 17.39 1.69
C7 A1A34 J . -2.19 18.66 2.12
C8 A1A34 J . -1.30 19.53 1.26
C10 A1A34 J . -3.44 18.27 4.16
O1 A1A34 J . -5.32 17.59 6.90
C2 A1A34 J . -6.19 17.54 6.02
C1 A1A34 J . -7.50 18.25 6.27
O A1A34 J . -8.27 18.35 5.09
C A1A34 J . -8.12 19.61 4.45
N A1A34 J . -6.02 16.96 4.83
C3 A1A34 J . -4.83 16.18 4.50
C9 A1A34 J . -2.64 19.08 3.38
C1 EDO K . 5.70 -18.75 -19.64
O1 EDO K . 4.28 -18.99 -19.78
C2 EDO K . 6.31 -19.84 -18.79
O2 EDO K . 5.95 -21.17 -19.11
S SO4 L . 11.78 -9.06 -26.34
O1 SO4 L . 12.97 -8.29 -26.08
O2 SO4 L . 10.68 -8.53 -25.56
O3 SO4 L . 11.44 -8.98 -27.73
O4 SO4 L . 12.00 -10.43 -25.98
#